data_5SV8
#
_entry.id   5SV8
#
_cell.length_a   46.249
_cell.length_b   51.867
_cell.length_c   82.609
_cell.angle_alpha   90.000
_cell.angle_beta   90.000
_cell.angle_gamma   90.000
#
_symmetry.space_group_name_H-M   'P 21 21 21'
#
loop_
_entity.id
_entity.type
_entity.pdbx_description
1 polymer 'probable xyloglucan endotransglucosylase/hydrolase protein 19'
2 branched alpha-D-xylopyranose-(1-6)-beta-D-glucopyranose-(1-4)-beta-D-glucopyranose-(1-4)-[alpha-D-xylopyranose-(1-6)]beta-D-glucopyranose-(1-4)-beta-D-glucopyranose
3 water water
#
_entity_poly.entity_id   1
_entity_poly.type   'polypeptide(L)'
_entity_poly.pdbx_seq_one_letter_code
;GMADPSLHHEAQPLKFIAVDYSPESCTHSPESSTITLTFDHRGGSRWRSTTRFQYGTFSSLIQCPKGNTSGLNFNIYLSS
LEGDKSQDEIDFEFLGKDKRIVQTNYYTAGTGNREAIHDLGFDCSDGFHEYVIKWGPDLIQWLIDGKVIRSVRADGEGFP
QKPMFLYASVWDASYIDEGRWTGPYVGSDAPYICLYKNVNVPVGTAVE
;
_entity_poly.pdbx_strand_id   A
#
loop_
_chem_comp.id
_chem_comp.type
_chem_comp.name
_chem_comp.formula
BGC D-saccharide, beta linking beta-D-glucopyranose 'C6 H12 O6'
XYS D-saccharide, alpha linking alpha-D-xylopyranose 'C5 H10 O5'
#
# COMPACT_ATOMS: atom_id res chain seq x y z
N ALA A 11 1.99 -19.38 2.36
CA ALA A 11 1.66 -18.08 2.96
C ALA A 11 1.33 -18.22 4.44
N GLN A 12 1.62 -17.19 5.21
CA GLN A 12 1.34 -17.17 6.63
C GLN A 12 0.83 -15.80 7.03
N PRO A 13 -0.03 -15.74 8.06
CA PRO A 13 -0.47 -14.42 8.53
C PRO A 13 0.69 -13.62 9.08
N LEU A 14 0.64 -12.31 8.86
CA LEU A 14 1.60 -11.40 9.48
C LEU A 14 1.05 -10.98 10.84
N LYS A 15 1.75 -11.34 11.90
CA LYS A 15 1.30 -11.03 13.26
C LYS A 15 2.29 -10.13 13.98
N PHE A 16 3.57 -10.23 13.60
CA PHE A 16 4.62 -9.36 14.16
C PHE A 16 4.83 -8.16 13.24
N ILE A 17 4.42 -6.98 13.69
CA ILE A 17 4.62 -5.76 12.93
C ILE A 17 5.42 -4.75 13.71
N ALA A 18 5.92 -3.76 12.97
CA ALA A 18 6.52 -2.58 13.57
C ALA A 18 5.73 -1.39 13.08
N VAL A 19 5.75 -0.33 13.87
CA VAL A 19 5.04 0.89 13.52
C VAL A 19 6.05 2.01 13.54
N ASP A 20 6.22 2.69 12.41
CA ASP A 20 7.37 3.55 12.20
C ASP A 20 7.23 4.94 12.81
N TYR A 21 6.00 5.42 13.01
CA TYR A 21 5.74 6.68 13.69
C TYR A 21 4.29 6.68 14.13
N SER A 22 3.96 7.52 15.10
CA SER A 22 2.59 7.70 15.60
C SER A 22 1.88 6.39 15.88
N PRO A 23 2.45 5.59 16.79
CA PRO A 23 1.86 4.27 17.08
C PRO A 23 0.43 4.31 17.60
N GLU A 24 0.01 5.41 18.21
CA GLU A 24 -1.37 5.52 18.71
C GLU A 24 -2.39 5.68 17.58
N SER A 25 -1.89 5.90 16.37
CA SER A 25 -2.74 5.97 15.18
C SER A 25 -2.74 4.68 14.37
N CYS A 26 -2.09 3.65 14.91
CA CYS A 26 -2.13 2.30 14.33
C CYS A 26 -2.70 1.37 15.39
N THR A 27 -3.74 0.61 15.05
CA THR A 27 -4.41 -0.27 16.01
C THR A 27 -4.42 -1.69 15.45
N HIS A 28 -3.84 -2.61 16.19
CA HIS A 28 -3.77 -4.00 15.77
C HIS A 28 -4.66 -4.80 16.71
N SER A 29 -5.60 -5.52 16.11
CA SER A 29 -6.45 -6.50 16.79
C SER A 29 -6.09 -7.91 16.33
N PRO A 30 -5.17 -8.57 17.02
CA PRO A 30 -4.66 -9.85 16.51
C PRO A 30 -5.73 -10.92 16.40
N GLU A 31 -6.68 -10.88 17.33
CA GLU A 31 -7.72 -11.89 17.37
C GLU A 31 -8.65 -11.78 16.17
N SER A 32 -8.72 -10.62 15.57
CA SER A 32 -9.50 -10.43 14.34
C SER A 32 -8.60 -10.28 13.10
N SER A 33 -7.31 -10.50 13.26
CA SER A 33 -6.34 -10.37 12.19
C SER A 33 -6.46 -9.05 11.42
N THR A 34 -6.74 -7.97 12.15
CA THR A 34 -7.01 -6.67 11.53
C THR A 34 -6.06 -5.60 12.09
N ILE A 35 -5.46 -4.86 11.18
CA ILE A 35 -4.65 -3.71 11.51
C ILE A 35 -5.37 -2.50 10.93
N THR A 36 -5.61 -1.50 11.77
N THR A 36 -5.50 -1.46 11.74
CA THR A 36 -6.21 -0.26 11.29
CA THR A 36 -6.27 -0.27 11.37
C THR A 36 -5.16 0.82 11.29
C THR A 36 -5.40 0.98 11.47
N LEU A 37 -5.33 1.74 10.37
CA LEU A 37 -4.58 2.99 10.35
C LEU A 37 -5.58 4.13 10.35
N THR A 38 -5.36 5.10 11.23
CA THR A 38 -6.25 6.26 11.36
C THR A 38 -5.57 7.53 10.85
N PHE A 39 -6.31 8.32 10.08
CA PHE A 39 -5.86 9.65 9.72
C PHE A 39 -6.84 10.67 10.30
N ASP A 40 -6.29 11.63 11.04
CA ASP A 40 -7.10 12.72 11.58
C ASP A 40 -6.15 13.90 11.86
N HIS A 41 -6.52 14.76 12.81
CA HIS A 41 -5.71 15.95 13.12
C HIS A 41 -4.31 15.60 13.61
N ARG A 42 -4.12 14.35 14.05
CA ARG A 42 -2.81 13.86 14.48
C ARG A 42 -1.91 13.41 13.32
N GLY A 43 -2.45 13.41 12.10
CA GLY A 43 -1.74 12.85 10.97
C GLY A 43 -2.17 11.40 10.81
N GLY A 44 -1.30 10.60 10.21
CA GLY A 44 -1.54 9.19 9.98
C GLY A 44 -0.50 8.32 10.68
N SER A 45 -0.24 7.16 10.08
CA SER A 45 0.75 6.23 10.58
C SER A 45 1.16 5.27 9.47
N ARG A 46 2.12 4.40 9.80
CA ARG A 46 2.70 3.43 8.87
C ARG A 46 3.10 2.18 9.65
N TRP A 47 2.60 1.02 9.22
CA TRP A 47 3.05 -0.26 9.74
C TRP A 47 3.92 -0.98 8.70
N ARG A 48 4.70 -1.94 9.18
CA ARG A 48 5.52 -2.75 8.29
C ARG A 48 5.76 -4.09 8.93
N SER A 49 6.16 -5.04 8.09
CA SER A 49 6.73 -6.30 8.57
C SER A 49 8.06 -6.03 9.29
N THR A 50 8.41 -6.90 10.23
CA THR A 50 9.68 -6.75 10.92
C THR A 50 10.82 -7.44 10.16
N THR A 51 10.47 -8.33 9.25
CA THR A 51 11.44 -8.97 8.37
C THR A 51 11.32 -8.41 6.95
N ARG A 52 12.39 -8.54 6.17
CA ARG A 52 12.31 -8.34 4.73
C ARG A 52 11.99 -9.69 4.09
N PHE A 53 11.78 -9.66 2.77
CA PHE A 53 11.46 -10.84 1.98
C PHE A 53 12.22 -10.79 0.68
N GLN A 54 12.61 -11.95 0.18
CA GLN A 54 13.24 -12.05 -1.13
C GLN A 54 12.30 -12.80 -2.06
N TYR A 55 11.44 -12.05 -2.75
CA TYR A 55 10.37 -12.54 -3.61
C TYR A 55 9.23 -13.19 -2.83
N GLY A 56 8.12 -13.39 -3.54
CA GLY A 56 6.97 -14.07 -2.99
C GLY A 56 5.66 -13.40 -3.28
N THR A 57 4.61 -13.97 -2.69
CA THR A 57 3.26 -13.47 -2.80
C THR A 57 2.82 -12.81 -1.49
N PHE A 58 2.26 -11.62 -1.63
CA PHE A 58 1.82 -10.77 -0.52
C PHE A 58 0.39 -10.38 -0.74
N SER A 59 -0.41 -10.42 0.30
CA SER A 59 -1.83 -10.09 0.13
C SER A 59 -2.44 -9.49 1.38
N SER A 60 -3.54 -8.77 1.19
CA SER A 60 -4.32 -8.22 2.28
C SER A 60 -5.72 -7.95 1.80
N LEU A 61 -6.69 -8.18 2.67
CA LEU A 61 -7.98 -7.55 2.52
C LEU A 61 -7.82 -6.10 2.94
N ILE A 62 -8.40 -5.17 2.17
CA ILE A 62 -8.35 -3.77 2.53
C ILE A 62 -9.73 -3.15 2.35
N GLN A 63 -10.16 -2.41 3.37
CA GLN A 63 -11.32 -1.53 3.24
C GLN A 63 -10.84 -0.11 3.51
N CYS A 64 -10.97 0.75 2.52
CA CYS A 64 -10.44 2.10 2.65
C CYS A 64 -11.41 2.97 3.44
N PRO A 65 -10.95 4.16 3.83
CA PRO A 65 -11.78 5.00 4.69
C PRO A 65 -13.04 5.51 4.01
N LYS A 66 -14.05 5.74 4.84
CA LYS A 66 -15.34 6.25 4.43
C LYS A 66 -15.30 7.76 4.21
N GLY A 67 -16.24 8.26 3.42
CA GLY A 67 -16.42 9.71 3.28
C GLY A 67 -15.50 10.31 2.27
N ASN A 68 -15.32 11.62 2.39
CA ASN A 68 -14.54 12.40 1.44
C ASN A 68 -13.06 12.30 1.78
N THR A 69 -12.37 11.40 1.10
CA THR A 69 -10.96 11.11 1.35
C THR A 69 -10.02 11.98 0.52
N SER A 70 -10.52 13.05 -0.10
CA SER A 70 -9.67 13.94 -0.87
C SER A 70 -8.42 14.33 -0.08
N GLY A 71 -7.30 14.28 -0.76
CA GLY A 71 -6.01 14.65 -0.20
C GLY A 71 -5.20 13.46 0.24
N LEU A 72 -5.88 12.43 0.71
CA LEU A 72 -5.19 11.32 1.35
C LEU A 72 -4.67 10.30 0.34
N ASN A 73 -3.57 9.66 0.75
CA ASN A 73 -3.01 8.50 0.08
C ASN A 73 -3.09 7.35 1.07
N PHE A 74 -3.76 6.26 0.71
CA PHE A 74 -3.69 5.04 1.51
C PHE A 74 -3.20 3.93 0.59
N ASN A 75 -2.43 3.00 1.14
CA ASN A 75 -1.61 2.16 0.29
C ASN A 75 -1.22 0.83 0.95
N ILE A 76 -0.67 -0.05 0.13
CA ILE A 76 0.10 -1.19 0.63
C ILE A 76 1.22 -1.36 -0.39
N TYR A 77 2.45 -1.60 0.09
CA TYR A 77 3.55 -1.67 -0.82
C TYR A 77 4.73 -2.43 -0.26
N LEU A 78 5.61 -2.88 -1.16
CA LEU A 78 6.92 -3.44 -0.80
C LEU A 78 7.95 -2.36 -0.99
N SER A 79 8.89 -2.20 -0.05
CA SER A 79 10.04 -1.33 -0.28
C SER A 79 11.27 -1.86 0.42
N SER A 80 12.42 -1.67 -0.20
CA SER A 80 13.68 -2.08 0.41
C SER A 80 14.00 -1.28 1.69
N LEU A 81 13.53 -0.03 1.80
CA LEU A 81 13.61 0.74 3.03
C LEU A 81 12.94 2.09 2.81
N GLU A 82 11.87 2.36 3.57
CA GLU A 82 11.17 3.61 3.41
C GLU A 82 12.05 4.78 3.85
N GLY A 83 12.15 5.76 2.97
CA GLY A 83 12.99 6.93 3.23
C GLY A 83 14.28 6.89 2.45
N ASP A 84 14.71 5.69 2.05
CA ASP A 84 15.89 5.54 1.20
C ASP A 84 15.59 6.04 -0.21
N LYS A 85 16.54 6.73 -0.82
CA LYS A 85 16.29 7.32 -2.13
C LYS A 85 16.86 6.50 -3.31
N SER A 86 17.50 5.36 -3.02
N SER A 86 17.49 5.35 -3.00
CA SER A 86 17.92 4.42 -4.04
CA SER A 86 17.93 4.41 -4.02
C SER A 86 17.19 3.09 -3.85
C SER A 86 17.19 3.08 -3.85
N GLN A 87 15.91 3.18 -3.54
CA GLN A 87 15.13 2.02 -3.14
C GLN A 87 14.54 1.23 -4.29
N ASP A 88 14.25 -0.05 -4.01
CA ASP A 88 13.41 -0.88 -4.84
C ASP A 88 12.04 -0.89 -4.16
N GLU A 89 10.97 -0.88 -4.97
CA GLU A 89 9.59 -0.79 -4.48
CA GLU A 89 9.63 -0.82 -4.43
C GLU A 89 8.60 -1.38 -5.42
N ILE A 90 7.49 -1.89 -4.89
CA ILE A 90 6.31 -2.26 -5.69
C ILE A 90 5.09 -1.74 -4.94
N ASP A 91 4.24 -0.94 -5.61
CA ASP A 91 3.15 -0.20 -4.95
C ASP A 91 1.72 -0.48 -5.44
N PHE A 92 0.79 -0.47 -4.47
CA PHE A 92 -0.63 -0.13 -4.66
C PHE A 92 -0.86 1.18 -3.91
N GLU A 93 -1.36 2.22 -4.57
CA GLU A 93 -1.68 3.46 -3.88
C GLU A 93 -3.07 3.95 -4.28
N PHE A 94 -3.94 4.16 -3.30
CA PHE A 94 -5.23 4.76 -3.52
C PHE A 94 -5.06 6.26 -3.39
N LEU A 95 -5.70 6.99 -4.31
CA LEU A 95 -5.65 8.45 -4.40
C LEU A 95 -7.00 8.96 -3.95
N GLY A 96 -7.03 9.66 -2.83
CA GLY A 96 -8.25 9.88 -2.10
C GLY A 96 -9.34 10.63 -2.82
N LYS A 97 -9.00 11.43 -3.84
CA LYS A 97 -10.05 12.18 -4.54
C LYS A 97 -10.92 11.30 -5.43
N ASP A 98 -10.52 10.05 -5.63
CA ASP A 98 -11.26 9.15 -6.53
C ASP A 98 -11.14 7.75 -5.99
N LYS A 99 -12.21 7.32 -5.32
N LYS A 99 -12.16 7.29 -5.26
CA LYS A 99 -12.24 6.06 -4.60
CA LYS A 99 -12.03 5.98 -4.59
C LYS A 99 -12.62 4.89 -5.49
C LYS A 99 -12.42 4.82 -5.52
N ARG A 100 -12.59 5.08 -6.81
CA ARG A 100 -12.90 4.03 -7.78
C ARG A 100 -11.70 3.69 -8.69
N ILE A 101 -10.53 4.16 -8.29
CA ILE A 101 -9.28 3.82 -8.97
C ILE A 101 -8.23 3.38 -7.97
N VAL A 102 -7.17 2.77 -8.49
CA VAL A 102 -5.94 2.58 -7.72
C VAL A 102 -4.78 2.77 -8.67
N GLN A 103 -3.66 3.26 -8.13
CA GLN A 103 -2.43 3.45 -8.89
C GLN A 103 -1.44 2.36 -8.56
N THR A 104 -0.81 1.78 -9.58
CA THR A 104 0.30 0.86 -9.35
C THR A 104 1.58 1.52 -9.88
N ASN A 105 2.72 1.08 -9.35
CA ASN A 105 4.01 1.66 -9.68
C ASN A 105 5.08 0.71 -9.21
N TYR A 106 6.30 0.87 -9.71
CA TYR A 106 7.41 0.19 -9.07
C TYR A 106 8.68 0.98 -9.30
N TYR A 107 9.60 0.81 -8.34
CA TYR A 107 10.86 1.55 -8.31
C TYR A 107 12.04 0.60 -8.42
N THR A 108 13.06 1.06 -9.12
CA THR A 108 14.30 0.32 -9.33
C THR A 108 15.46 1.24 -8.97
N ALA A 109 16.15 0.96 -7.87
CA ALA A 109 17.30 1.78 -7.46
C ALA A 109 16.94 3.28 -7.44
N GLY A 110 15.76 3.58 -6.94
CA GLY A 110 15.33 4.97 -6.74
C GLY A 110 14.56 5.60 -7.90
N THR A 111 14.52 4.93 -9.05
CA THR A 111 13.80 5.43 -10.21
C THR A 111 12.44 4.74 -10.33
N GLY A 112 11.40 5.56 -10.32
CA GLY A 112 10.03 5.08 -10.51
C GLY A 112 9.52 5.44 -11.89
N ASN A 113 8.49 6.29 -11.93
CA ASN A 113 7.89 6.80 -13.16
C ASN A 113 7.26 5.71 -14.01
N ARG A 114 6.70 4.70 -13.34
CA ARG A 114 6.00 3.62 -14.02
C ARG A 114 4.56 3.51 -13.55
N GLU A 115 3.98 4.67 -13.23
CA GLU A 115 2.60 4.72 -12.74
C GLU A 115 1.60 4.20 -13.79
N ALA A 116 0.60 3.48 -13.32
CA ALA A 116 -0.57 3.13 -14.11
C ALA A 116 -1.78 3.30 -13.22
N ILE A 117 -2.86 3.80 -13.83
CA ILE A 117 -4.14 3.94 -13.16
C ILE A 117 -5.10 2.84 -13.60
N HIS A 118 -5.75 2.20 -12.63
CA HIS A 118 -6.67 1.11 -12.89
C HIS A 118 -8.05 1.46 -12.34
N ASP A 119 -9.08 1.19 -13.13
CA ASP A 119 -10.45 1.38 -12.69
C ASP A 119 -10.88 0.16 -11.90
N LEU A 120 -11.31 0.36 -10.67
CA LEU A 120 -11.62 -0.75 -9.77
C LEU A 120 -12.92 -1.48 -10.13
N GLY A 121 -13.90 -0.70 -10.54
CA GLY A 121 -15.23 -1.25 -10.76
C GLY A 121 -16.05 -1.29 -9.47
N PHE A 122 -15.53 -0.66 -8.42
CA PHE A 122 -16.17 -0.58 -7.13
C PHE A 122 -15.55 0.60 -6.36
N ASP A 123 -16.21 1.01 -5.29
CA ASP A 123 -15.67 2.00 -4.33
C ASP A 123 -14.80 1.28 -3.31
N CYS A 124 -13.52 1.64 -3.23
CA CYS A 124 -12.60 0.89 -2.40
C CYS A 124 -12.91 0.94 -0.90
N SER A 125 -13.88 1.78 -0.50
CA SER A 125 -14.32 1.82 0.88
C SER A 125 -15.62 1.05 1.15
N ASP A 126 -16.14 0.46 0.09
N ASP A 126 -16.17 0.37 0.15
CA ASP A 126 -17.37 -0.33 0.14
CA ASP A 126 -17.51 -0.24 0.29
C ASP A 126 -17.03 -1.79 0.43
C ASP A 126 -17.59 -1.57 1.07
N GLY A 127 -16.46 -2.02 1.59
CA GLY A 127 -16.29 -3.37 2.09
C GLY A 127 -14.84 -3.78 1.84
N PHE A 128 -14.47 -4.97 2.30
CA PHE A 128 -13.16 -5.51 2.06
C PHE A 128 -13.01 -6.06 0.64
N HIS A 129 -11.88 -5.75 0.01
CA HIS A 129 -11.47 -6.36 -1.25
C HIS A 129 -10.07 -6.90 -1.09
N GLU A 130 -9.68 -7.85 -1.94
CA GLU A 130 -8.38 -8.53 -1.82
C GLU A 130 -7.38 -7.98 -2.81
N TYR A 131 -6.25 -7.53 -2.28
CA TYR A 131 -5.16 -6.98 -3.09
C TYR A 131 -3.94 -7.87 -2.91
N VAL A 132 -3.33 -8.24 -4.02
CA VAL A 132 -2.20 -9.18 -4.04
C VAL A 132 -1.06 -8.64 -4.92
N ILE A 133 0.16 -8.73 -4.40
CA ILE A 133 1.36 -8.52 -5.19
C ILE A 133 2.11 -9.84 -5.29
N LYS A 134 2.37 -10.29 -6.51
CA LYS A 134 3.23 -11.47 -6.75
C LYS A 134 4.54 -10.95 -7.31
N TRP A 135 5.62 -11.17 -6.59
CA TRP A 135 6.93 -10.62 -6.94
C TRP A 135 7.93 -11.72 -7.20
N GLY A 136 8.39 -11.83 -8.45
CA GLY A 136 9.44 -12.77 -8.80
C GLY A 136 10.58 -12.04 -9.47
N PRO A 137 11.67 -12.75 -9.76
CA PRO A 137 12.83 -12.05 -10.30
C PRO A 137 12.66 -11.57 -11.73
N ASP A 138 11.65 -12.07 -12.45
CA ASP A 138 11.44 -11.59 -13.82
C ASP A 138 9.99 -11.30 -14.14
N LEU A 139 9.12 -11.44 -13.15
CA LEU A 139 7.69 -11.15 -13.32
C LEU A 139 7.09 -10.53 -12.04
N ILE A 140 6.35 -9.44 -12.18
CA ILE A 140 5.54 -8.91 -11.08
C ILE A 140 4.10 -8.84 -11.56
N GLN A 141 3.18 -9.33 -10.74
CA GLN A 141 1.76 -9.17 -11.03
C GLN A 141 1.04 -8.49 -9.88
N TRP A 142 0.04 -7.69 -10.21
CA TRP A 142 -0.86 -7.11 -9.24
C TRP A 142 -2.23 -7.70 -9.43
N LEU A 143 -2.87 -8.18 -8.37
CA LEU A 143 -4.22 -8.73 -8.50
C LEU A 143 -5.20 -8.01 -7.57
N ILE A 144 -6.42 -7.85 -8.03
CA ILE A 144 -7.52 -7.33 -7.23
C ILE A 144 -8.69 -8.27 -7.36
N ASP A 145 -9.18 -8.74 -6.21
CA ASP A 145 -10.26 -9.72 -6.13
C ASP A 145 -10.02 -10.91 -7.05
N GLY A 146 -8.76 -11.36 -7.12
CA GLY A 146 -8.39 -12.55 -7.84
C GLY A 146 -8.11 -12.39 -9.32
N LYS A 147 -8.25 -11.18 -9.84
CA LYS A 147 -7.99 -10.90 -11.27
C LYS A 147 -6.66 -10.15 -11.42
N VAL A 148 -5.82 -10.60 -12.34
CA VAL A 148 -4.61 -9.84 -12.66
C VAL A 148 -4.97 -8.55 -13.35
N ILE A 149 -4.54 -7.42 -12.78
CA ILE A 149 -4.82 -6.11 -13.35
C ILE A 149 -3.62 -5.49 -14.04
N ARG A 150 -2.43 -5.99 -13.70
CA ARG A 150 -1.20 -5.55 -14.31
C ARG A 150 -0.14 -6.63 -14.19
N SER A 151 0.65 -6.78 -15.24
CA SER A 151 1.78 -7.72 -15.27
CA SER A 151 1.77 -7.72 -15.26
C SER A 151 2.97 -7.01 -15.88
N VAL A 152 4.12 -7.07 -15.22
CA VAL A 152 5.34 -6.51 -15.80
C VAL A 152 6.49 -7.51 -15.76
N ARG A 153 7.32 -7.46 -16.78
CA ARG A 153 8.45 -8.37 -16.92
C ARG A 153 9.77 -7.61 -16.94
N ALA A 154 10.80 -8.27 -16.43
CA ALA A 154 12.11 -7.63 -16.34
C ALA A 154 12.65 -7.33 -17.73
N ASP A 155 13.29 -6.17 -17.85
CA ASP A 155 13.93 -5.75 -19.09
C ASP A 155 15.26 -5.06 -18.73
N GLY A 156 15.87 -4.38 -19.69
CA GLY A 156 17.14 -3.75 -19.40
C GLY A 156 17.03 -2.57 -18.44
N GLU A 157 15.79 -2.09 -18.25
CA GLU A 157 15.52 -0.87 -17.52
C GLU A 157 15.21 -1.10 -16.05
N GLY A 158 15.81 -2.15 -15.49
CA GLY A 158 15.78 -2.39 -14.06
C GLY A 158 14.61 -3.23 -13.59
N PHE A 159 14.75 -3.84 -12.43
CA PHE A 159 13.66 -4.59 -11.84
C PHE A 159 13.90 -4.67 -10.35
N PRO A 160 12.82 -4.70 -9.55
CA PRO A 160 12.99 -4.81 -8.09
C PRO A 160 13.64 -6.15 -7.71
N GLN A 161 14.80 -6.08 -7.07
CA GLN A 161 15.54 -7.30 -6.68
C GLN A 161 16.06 -7.28 -5.24
N LYS A 162 16.16 -6.13 -4.60
CA LYS A 162 16.62 -6.07 -3.20
C LYS A 162 15.59 -6.71 -2.30
N PRO A 163 16.00 -7.29 -1.16
CA PRO A 163 14.96 -7.73 -0.21
C PRO A 163 14.10 -6.53 0.21
N MET A 164 12.80 -6.77 0.44
CA MET A 164 11.87 -5.68 0.77
C MET A 164 10.98 -6.01 1.95
N PHE A 165 10.66 -4.99 2.75
CA PHE A 165 9.63 -5.06 3.78
C PHE A 165 8.28 -4.89 3.11
N LEU A 166 7.24 -5.44 3.75
CA LEU A 166 5.86 -5.07 3.44
C LEU A 166 5.50 -3.87 4.30
N TYR A 167 4.97 -2.83 3.67
CA TYR A 167 4.57 -1.58 4.30
C TYR A 167 3.11 -1.22 4.01
N ALA A 168 2.50 -0.45 4.91
CA ALA A 168 1.25 0.24 4.58
C ALA A 168 1.16 1.52 5.36
N SER A 169 0.67 2.58 4.72
CA SER A 169 0.47 3.84 5.44
C SER A 169 -0.78 4.57 4.97
N VAL A 170 -1.18 5.55 5.78
CA VAL A 170 -2.12 6.58 5.34
C VAL A 170 -1.46 7.93 5.60
N TRP A 171 -1.43 8.76 4.58
CA TRP A 171 -0.80 10.06 4.72
C TRP A 171 -1.48 11.15 3.88
N ASP A 172 -1.21 12.40 4.22
CA ASP A 172 -1.75 13.55 3.52
C ASP A 172 -0.79 13.91 2.42
N ALA A 173 -1.19 13.60 1.19
CA ALA A 173 -0.36 13.83 0.02
C ALA A 173 -0.85 15.03 -0.78
N SER A 174 -1.71 15.85 -0.19
CA SER A 174 -2.33 16.97 -0.91
C SER A 174 -1.32 18.01 -1.34
N TYR A 175 -0.14 18.01 -0.70
CA TYR A 175 0.89 18.98 -1.03
C TYR A 175 1.68 18.59 -2.28
N ILE A 176 1.49 17.36 -2.77
CA ILE A 176 2.20 16.85 -3.93
C ILE A 176 1.58 17.33 -5.23
N ASP A 177 2.46 17.77 -6.14
N ASP A 177 2.41 17.84 -6.14
CA ASP A 177 2.13 18.48 -7.40
CA ASP A 177 1.95 18.34 -7.44
C ASP A 177 0.82 19.30 -7.34
C ASP A 177 0.74 19.28 -7.32
N GLU A 178 0.82 20.25 -6.41
CA GLU A 178 -0.25 21.24 -6.25
C GLU A 178 -1.64 20.64 -6.04
N GLY A 179 -1.69 19.46 -5.44
CA GLY A 179 -2.94 18.80 -5.15
C GLY A 179 -3.55 18.00 -6.30
N ARG A 180 -2.88 17.92 -7.43
N ARG A 180 -2.87 17.93 -7.44
CA ARG A 180 -3.46 17.25 -8.60
CA ARG A 180 -3.45 17.26 -8.60
C ARG A 180 -3.35 15.73 -8.56
C ARG A 180 -3.47 15.73 -8.44
N TRP A 181 -2.55 15.22 -7.63
CA TRP A 181 -2.40 13.78 -7.47
C TRP A 181 -3.51 13.16 -6.62
N THR A 182 -3.72 13.67 -5.40
CA THR A 182 -4.70 13.10 -4.50
C THR A 182 -5.86 14.05 -4.16
N GLY A 183 -5.75 15.30 -4.60
CA GLY A 183 -6.73 16.33 -4.29
C GLY A 183 -6.34 17.16 -3.08
N PRO A 184 -7.05 18.25 -2.85
CA PRO A 184 -6.86 18.96 -1.57
C PRO A 184 -7.39 18.18 -0.36
N TYR A 185 -6.80 18.36 0.80
CA TYR A 185 -7.31 17.69 1.98
C TYR A 185 -8.44 18.50 2.55
N VAL A 186 -9.63 17.90 2.51
CA VAL A 186 -10.86 18.52 2.98
C VAL A 186 -11.11 18.18 4.45
N GLY A 187 -11.01 16.90 4.81
CA GLY A 187 -11.05 16.47 6.21
C GLY A 187 -12.43 16.42 6.86
N SER A 188 -13.48 16.54 6.04
CA SER A 188 -14.85 16.64 6.51
C SER A 188 -15.30 15.41 7.28
N ASP A 189 -14.67 14.27 7.03
CA ASP A 189 -15.13 13.02 7.59
C ASP A 189 -14.07 12.34 8.48
N ALA A 190 -13.17 13.13 9.05
CA ALA A 190 -12.23 12.60 10.01
C ALA A 190 -12.98 12.15 11.28
N PRO A 191 -12.49 11.10 11.95
CA PRO A 191 -11.30 10.30 11.61
C PRO A 191 -11.53 9.32 10.47
N TYR A 192 -10.52 9.21 9.59
CA TYR A 192 -10.51 8.28 8.48
C TYR A 192 -9.82 7.00 8.91
N ILE A 193 -10.48 5.87 8.75
CA ILE A 193 -9.92 4.61 9.22
CA ILE A 193 -9.96 4.61 9.22
C ILE A 193 -9.81 3.63 8.04
N CYS A 194 -8.59 3.17 7.81
CA CYS A 194 -8.27 2.20 6.76
C CYS A 194 -7.98 0.86 7.41
N LEU A 195 -8.72 -0.17 6.99
CA LEU A 195 -8.64 -1.49 7.62
CA LEU A 195 -8.63 -1.48 7.61
C LEU A 195 -7.90 -2.47 6.73
N TYR A 196 -6.92 -3.15 7.32
CA TYR A 196 -6.13 -4.20 6.69
C TYR A 196 -6.42 -5.48 7.42
N LYS A 197 -6.95 -6.46 6.72
CA LYS A 197 -7.31 -7.73 7.36
C LYS A 197 -6.69 -8.92 6.66
N ASN A 198 -6.31 -9.95 7.42
CA ASN A 198 -5.75 -11.16 6.87
C ASN A 198 -4.52 -10.89 6.01
N VAL A 199 -3.61 -10.05 6.51
CA VAL A 199 -2.38 -9.76 5.80
C VAL A 199 -1.56 -11.05 5.80
N ASN A 200 -1.15 -11.46 4.61
CA ASN A 200 -0.42 -12.70 4.41
C ASN A 200 0.90 -12.42 3.68
N VAL A 201 1.96 -13.04 4.18
CA VAL A 201 3.32 -12.84 3.69
C VAL A 201 3.90 -14.22 3.44
N PRO A 202 4.95 -14.31 2.61
CA PRO A 202 5.57 -15.61 2.31
C PRO A 202 6.15 -16.26 3.57
N VAL A 203 6.09 -17.58 3.66
CA VAL A 203 6.59 -18.26 4.86
C VAL A 203 8.08 -18.56 4.71
N GLY A 204 8.49 -18.89 3.49
CA GLY A 204 9.83 -19.41 3.26
C GLY A 204 10.84 -18.49 2.60
N THR A 205 10.46 -17.25 2.25
CA THR A 205 11.43 -16.31 1.69
C THR A 205 11.59 -15.07 2.56
N ALA A 206 11.22 -15.18 3.82
CA ALA A 206 11.52 -14.13 4.78
C ALA A 206 13.02 -14.14 5.03
N VAL A 207 13.59 -12.95 5.11
CA VAL A 207 14.99 -12.81 5.43
C VAL A 207 15.17 -11.69 6.47
N GLU A 208 16.13 -11.87 7.38
CA GLU A 208 16.38 -10.89 8.43
C2 BGC B . 7.13 6.38 -2.22
C3 BGC B . 7.04 6.24 -0.73
C4 BGC B . 5.66 6.38 -0.23
C5 BGC B . 4.90 5.25 -0.82
C6 BGC B . 3.47 5.12 -0.27
C1 BGC B . 6.19 5.42 -2.99
O1 BGC B . 6.02 5.79 -4.22
O2 BGC B . 8.45 6.08 -2.66
O3 BGC B . 7.85 7.26 -0.08
O4 BGC B . 5.71 6.13 1.21
O5 BGC B . 4.84 5.34 -2.27
O6 BGC B . 2.69 6.23 -0.67
C2 BGC B . 5.05 6.62 3.48
C3 BGC B . 4.40 7.59 4.40
C4 BGC B . 5.04 8.92 4.31
C5 BGC B . 5.00 9.39 2.88
C6 BGC B . 5.71 10.72 2.65
C1 BGC B . 5.04 7.09 2.01
O2 BGC B . 4.41 5.33 3.56
O3 BGC B . 4.55 7.06 5.76
O4 BGC B . 4.24 9.82 5.12
O5 BGC B . 5.67 8.45 1.97
O6 BGC B . 7.06 10.70 3.09
C2 BGC B . 3.98 11.51 6.77
C3 BGC B . 4.70 12.35 7.78
C4 BGC B . 5.63 11.55 8.59
C5 BGC B . 6.58 10.79 7.76
C6 BGC B . 7.48 9.91 8.60
C1 BGC B . 4.97 10.66 5.97
O2 BGC B . 3.22 12.31 5.86
O3 BGC B . 3.67 12.95 8.63
O4 BGC B . 6.53 12.44 9.33
O5 BGC B . 5.83 9.88 6.91
O6 BGC B . 8.52 9.36 7.82
C2 BGC B . 7.66 12.85 11.45
C3 BGC B . 7.54 12.64 12.91
C4 BGC B . 6.27 13.12 13.46
C5 BGC B . 5.11 12.50 12.74
C6 BGC B . 3.75 12.98 13.21
C1 BGC B . 6.47 12.21 10.72
O2 BGC B . 8.86 12.28 10.95
O3 BGC B . 8.68 13.34 13.54
O4 BGC B . 6.18 12.72 14.86
O5 BGC B . 5.19 12.73 11.30
O6 BGC B . 3.62 14.39 13.37
C1 XYS B . 4.08 15.20 12.25
C2 XYS B . 3.95 16.64 12.73
C3 XYS B . 2.49 16.97 13.05
C4 XYS B . 1.61 16.65 11.86
C5 XYS B . 1.89 15.24 11.33
O2 XYS B . 4.74 16.86 13.88
O3 XYS B . 2.33 18.34 13.36
O4 XYS B . 0.26 16.80 12.24
O5 XYS B . 3.29 15.01 11.15
C1 XYS B . 8.05 10.38 2.07
C2 XYS B . 9.24 9.79 2.79
C3 XYS B . 9.74 10.76 3.86
C4 XYS B . 10.01 12.12 3.24
C5 XYS B . 8.91 12.54 2.27
O2 XYS B . 8.92 8.60 3.46
O3 XYS B . 10.89 10.23 4.48
O4 XYS B . 10.16 13.08 4.27
O5 XYS B . 8.48 11.50 1.42
#